data_4HJ4
#
_entry.id   4HJ4
#
_cell.length_a   65.800
_cell.length_b   70.500
_cell.length_c   74.400
_cell.angle_alpha   90.000
_cell.angle_beta   90.000
_cell.angle_gamma   90.000
#
_symmetry.space_group_name_H-M   'P 21 21 21'
#
loop_
_entity.id
_entity.type
_entity.pdbx_description
1 polymer 'LOV protein'
2 non-polymer 'FLAVIN MONONUCLEOTIDE'
3 water water
#
_entity_poly.entity_id   1
_entity_poly.type   'polypeptide(L)'
_entity_poly.pdbx_seq_one_letter_code
;AMDQKQFEKIRAVFDRSGVALTLVDMSLPEQPLVLANPPFLRMTGYTEGQILGFNCRFLQRGDENAQARADIRDALKLGR
ELQVVLRNYRANDEPFDNLLFLHPVGGRPDAPDYFLGSQFELGRSGNSEEAAAAGHAGALTGELARIGTVAARLEMDSRR
HLAQAAAALVRAWERRG
;
_entity_poly.pdbx_strand_id   A,B
#
loop_
_chem_comp.id
_chem_comp.type
_chem_comp.name
_chem_comp.formula
FMN non-polymer 'FLAVIN MONONUCLEOTIDE' 'C17 H21 N4 O9 P'
#
# COMPACT_ATOMS: atom_id res chain seq x y z
N ALA A 1 -13.54 3.31 -26.79
CA ALA A 1 -14.33 4.07 -25.84
C ALA A 1 -15.48 3.25 -25.26
N MET A 2 -15.49 3.03 -23.95
CA MET A 2 -16.51 2.23 -23.28
C MET A 2 -17.25 3.01 -22.18
N ASP A 3 -17.60 2.32 -21.10
CA ASP A 3 -18.40 2.87 -20.00
C ASP A 3 -17.75 4.08 -19.32
N GLN A 4 -18.54 5.13 -19.09
CA GLN A 4 -17.99 6.39 -18.59
C GLN A 4 -18.13 6.56 -17.08
N LYS A 5 -19.17 5.98 -16.48
CA LYS A 5 -19.26 5.99 -15.02
C LYS A 5 -18.05 5.27 -14.44
N GLN A 6 -17.74 4.12 -15.04
CA GLN A 6 -16.54 3.37 -14.71
C GLN A 6 -15.31 4.24 -14.86
N PHE A 7 -15.31 5.10 -15.88
CA PHE A 7 -14.14 5.89 -16.23
C PHE A 7 -13.87 7.00 -15.25
N GLU A 8 -14.93 7.61 -14.72
CA GLU A 8 -14.78 8.71 -13.78
C GLU A 8 -14.56 8.18 -12.37
N LYS A 9 -15.00 6.95 -12.13
CA LYS A 9 -14.67 6.27 -10.89
C LYS A 9 -13.16 6.09 -10.84
N ILE A 10 -12.60 5.59 -11.94
CA ILE A 10 -11.16 5.49 -12.07
C ILE A 10 -10.44 6.83 -11.93
N ARG A 11 -10.88 7.84 -12.69
CA ARG A 11 -10.22 9.14 -12.64
C ARG A 11 -10.17 9.65 -11.20
N ALA A 12 -11.27 9.50 -10.48
CA ALA A 12 -11.35 9.98 -9.09
C ALA A 12 -10.31 9.30 -8.19
N VAL A 13 -10.18 7.98 -8.32
CA VAL A 13 -9.14 7.26 -7.58
C VAL A 13 -7.73 7.70 -8.01
N PHE A 14 -7.56 7.94 -9.31
CA PHE A 14 -6.26 8.35 -9.82
C PHE A 14 -5.77 9.66 -9.20
N ASP A 15 -6.65 10.67 -9.11
CA ASP A 15 -6.25 12.03 -8.70
C ASP A 15 -5.89 12.20 -7.21
N ARG A 16 -6.59 11.48 -6.33
CA ARG A 16 -6.30 11.55 -4.89
C ARG A 16 -5.41 10.41 -4.38
N SER A 17 -4.58 9.84 -5.27
CA SER A 17 -3.74 8.71 -4.94
C SER A 17 -2.31 9.18 -4.79
N GLY A 18 -1.56 8.55 -3.89
CA GLY A 18 -0.17 8.90 -3.65
C GLY A 18 0.83 8.11 -4.47
N VAL A 19 0.33 7.33 -5.44
CA VAL A 19 1.23 6.59 -6.31
C VAL A 19 1.01 7.04 -7.74
N ALA A 20 2.08 7.11 -8.51
CA ALA A 20 1.96 7.40 -9.93
C ALA A 20 1.07 6.36 -10.62
N LEU A 21 0.00 6.82 -11.28
CA LEU A 21 -0.93 5.94 -11.99
C LEU A 21 -1.25 6.45 -13.38
N THR A 22 -1.32 5.53 -14.34
CA THR A 22 -1.73 5.89 -15.69
C THR A 22 -2.76 4.88 -16.22
N LEU A 23 -3.59 5.33 -17.16
CA LEU A 23 -4.58 4.46 -17.77
C LEU A 23 -4.49 4.52 -19.30
N VAL A 24 -4.61 3.38 -19.95
CA VAL A 24 -4.48 3.32 -21.40
C VAL A 24 -5.67 2.64 -22.06
N ASP A 25 -6.19 3.27 -23.12
CA ASP A 25 -7.38 2.80 -23.83
C ASP A 25 -7.01 1.75 -24.86
N MET A 26 -7.59 0.56 -24.70
CA MET A 26 -7.21 -0.59 -25.53
C MET A 26 -8.10 -0.77 -26.76
N SER A 27 -9.10 0.10 -26.92
CA SER A 27 -9.94 0.10 -28.11
C SER A 27 -9.34 0.94 -29.25
N LEU A 28 -8.27 1.69 -28.95
CA LEU A 28 -7.57 2.51 -29.94
C LEU A 28 -6.20 1.88 -30.23
N PRO A 29 -5.80 1.84 -31.52
CA PRO A 29 -4.66 1.00 -31.93
C PRO A 29 -3.32 1.48 -31.41
N GLU A 30 -3.14 2.79 -31.31
CA GLU A 30 -1.87 3.35 -30.83
C GLU A 30 -1.76 3.24 -29.30
N GLN A 31 -2.85 2.84 -28.66
CA GLN A 31 -2.90 2.65 -27.21
C GLN A 31 -2.55 3.93 -26.44
N PRO A 32 -3.39 4.97 -26.59
CA PRO A 32 -3.08 6.28 -26.03
C PRO A 32 -3.27 6.33 -24.52
N LEU A 33 -2.43 7.11 -23.86
CA LEU A 33 -2.68 7.54 -22.51
C LEU A 33 -4.07 8.15 -22.44
N VAL A 34 -4.85 7.76 -21.45
CA VAL A 34 -6.19 8.29 -21.29
C VAL A 34 -6.42 8.84 -19.88
N LEU A 35 -5.44 8.58 -19.00
CA LEU A 35 -5.30 9.29 -17.71
C LEU A 35 -3.86 9.28 -17.24
N ALA A 36 -3.48 10.29 -16.47
CA ALA A 36 -2.15 10.36 -15.85
C ALA A 36 -2.22 11.27 -14.62
N ASN A 37 -2.07 10.67 -13.44
CA ASN A 37 -2.29 11.40 -12.20
C ASN A 37 -1.10 12.29 -11.83
N PRO A 38 -1.24 13.13 -10.78
CA PRO A 38 -0.11 14.02 -10.48
C PRO A 38 1.21 13.37 -10.03
N PRO A 39 1.20 12.28 -9.23
CA PRO A 39 2.53 11.72 -8.93
C PRO A 39 3.28 11.36 -10.21
N PHE A 40 2.56 10.79 -11.17
CA PHE A 40 3.15 10.45 -12.46
C PHE A 40 3.63 11.72 -13.15
N LEU A 41 2.79 12.75 -13.15
CA LEU A 41 3.12 14.02 -13.78
C LEU A 41 4.34 14.66 -13.15
N ARG A 42 4.41 14.58 -11.81
CA ARG A 42 5.51 15.12 -11.03
C ARG A 42 6.79 14.34 -11.25
N MET A 43 6.68 13.02 -11.43
CA MET A 43 7.83 12.17 -11.67
C MET A 43 8.45 12.50 -13.02
N THR A 44 7.61 12.52 -14.06
CA THR A 44 8.08 12.74 -15.42
C THR A 44 8.38 14.22 -15.72
N GLY A 45 7.48 15.12 -15.34
CA GLY A 45 7.68 16.52 -15.60
C GLY A 45 6.84 17.00 -16.77
N TYR A 46 5.66 16.42 -16.93
CA TYR A 46 4.76 16.83 -18.00
C TYR A 46 3.41 17.27 -17.45
N THR A 47 2.62 17.91 -18.30
CA THR A 47 1.24 18.19 -17.95
C THR A 47 0.34 17.10 -18.51
N GLU A 48 -0.84 16.96 -17.92
CA GLU A 48 -1.81 16.01 -18.43
C GLU A 48 -2.13 16.34 -19.88
N GLY A 49 -2.16 17.62 -20.20
CA GLY A 49 -2.56 18.08 -21.50
C GLY A 49 -1.55 17.87 -22.60
N GLN A 50 -0.32 17.49 -22.27
CA GLN A 50 0.66 17.29 -23.34
C GLN A 50 1.03 15.84 -23.66
N ILE A 51 0.34 14.89 -23.02
CA ILE A 51 0.65 13.47 -23.19
C ILE A 51 -0.63 12.62 -23.35
N LEU A 52 -1.76 13.15 -22.86
CA LEU A 52 -3.08 12.52 -23.09
C LEU A 52 -3.41 12.33 -24.59
N GLY A 53 -3.64 11.09 -25.00
CA GLY A 53 -3.77 10.72 -26.41
C GLY A 53 -2.50 10.17 -27.07
N PHE A 54 -1.43 9.93 -26.29
CA PHE A 54 -0.19 9.36 -26.84
C PHE A 54 0.31 8.13 -26.09
N ASN A 55 0.74 7.11 -26.83
CA ASN A 55 1.39 5.94 -26.22
C ASN A 55 2.46 6.36 -25.23
N CYS A 56 2.58 5.59 -24.15
CA CYS A 56 3.52 5.89 -23.08
C CYS A 56 4.97 5.73 -23.47
N ARG A 57 5.23 5.10 -24.62
CA ARG A 57 6.60 4.84 -25.02
C ARG A 57 7.43 6.11 -25.32
N PHE A 58 6.78 7.28 -25.26
CA PHE A 58 7.49 8.57 -25.39
C PHE A 58 8.46 8.82 -24.24
N LEU A 59 8.37 8.02 -23.19
CA LEU A 59 9.26 8.17 -22.06
C LEU A 59 10.59 7.46 -22.35
N GLN A 60 10.65 6.78 -23.50
CA GLN A 60 11.87 6.06 -23.90
C GLN A 60 12.72 6.84 -24.90
N ARG A 61 13.91 6.30 -25.19
CA ARG A 61 14.81 6.87 -26.20
C ARG A 61 15.51 5.77 -27.00
N GLY A 62 14.96 5.43 -28.16
CA GLY A 62 15.65 4.51 -29.06
C GLY A 62 15.19 3.08 -28.97
N ASP A 63 16.13 2.17 -28.72
CA ASP A 63 15.81 0.74 -28.69
C ASP A 63 16.20 0.06 -27.38
N GLU A 64 16.43 0.85 -26.33
CA GLU A 64 16.56 0.28 -24.99
C GLU A 64 15.29 -0.48 -24.63
N ASN A 65 15.40 -1.34 -23.62
CA ASN A 65 14.27 -2.08 -23.06
C ASN A 65 13.55 -2.99 -24.04
N ALA A 66 14.22 -3.47 -25.09
CA ALA A 66 13.54 -4.34 -26.05
C ALA A 66 13.01 -5.61 -25.40
N GLN A 67 13.85 -6.23 -24.59
CA GLN A 67 13.49 -7.44 -23.85
C GLN A 67 12.29 -7.20 -22.93
N ALA A 68 12.35 -6.10 -22.18
CA ALA A 68 11.23 -5.67 -21.35
C ALA A 68 10.05 -5.24 -22.20
N ARG A 69 10.32 -4.56 -23.31
CA ARG A 69 9.28 -4.18 -24.25
C ARG A 69 8.60 -5.40 -24.83
N ALA A 70 9.30 -6.52 -24.88
CA ALA A 70 8.73 -7.74 -25.42
C ALA A 70 7.76 -8.35 -24.42
N ASP A 71 8.18 -8.42 -23.15
CA ASP A 71 7.31 -8.84 -22.07
C ASP A 71 6.02 -8.02 -22.07
N ILE A 72 6.19 -6.69 -22.15
CA ILE A 72 5.07 -5.76 -22.20
C ILE A 72 4.08 -6.05 -23.32
N ARG A 73 4.56 -6.22 -24.55
CA ARG A 73 3.64 -6.43 -25.67
C ARG A 73 2.86 -7.74 -25.50
N ASP A 74 3.52 -8.76 -24.95
CA ASP A 74 2.85 -10.03 -24.74
C ASP A 74 1.73 -9.91 -23.71
N ALA A 75 1.99 -9.17 -22.64
CA ALA A 75 1.00 -9.06 -21.60
C ALA A 75 -0.24 -8.36 -22.16
N LEU A 76 -0.02 -7.32 -22.96
CA LEU A 76 -1.12 -6.55 -23.56
C LEU A 76 -2.03 -7.37 -24.50
N LYS A 77 -1.46 -8.25 -25.35
CA LYS A 77 -2.31 -9.03 -26.26
C LYS A 77 -3.14 -10.02 -25.45
N LEU A 78 -2.49 -10.64 -24.48
CA LEU A 78 -3.12 -11.63 -23.63
C LEU A 78 -4.04 -11.03 -22.57
N GLY A 79 -3.95 -9.71 -22.35
CA GLY A 79 -4.62 -9.07 -21.23
C GLY A 79 -4.14 -9.54 -19.85
N ARG A 80 -2.81 -9.65 -19.68
CA ARG A 80 -2.26 -10.17 -18.45
C ARG A 80 -1.65 -9.11 -17.55
N GLU A 81 -1.47 -9.50 -16.31
CA GLU A 81 -0.76 -8.68 -15.38
C GLU A 81 0.72 -8.85 -15.66
N LEU A 82 1.50 -7.81 -15.40
CA LEU A 82 2.92 -7.83 -15.66
C LEU A 82 3.63 -6.76 -14.85
N GLN A 83 4.82 -7.09 -14.33
CA GLN A 83 5.67 -6.09 -13.73
C GLN A 83 7.03 -6.18 -14.38
N VAL A 84 7.74 -5.06 -14.42
CA VAL A 84 8.85 -4.93 -15.34
C VAL A 84 9.57 -3.61 -15.09
N VAL A 85 10.88 -3.59 -15.36
CA VAL A 85 11.69 -2.39 -15.19
C VAL A 85 12.04 -1.80 -16.55
N LEU A 86 12.04 -0.47 -16.61
CA LEU A 86 12.22 0.27 -17.86
C LEU A 86 13.13 1.45 -17.68
N ARG A 87 14.08 1.62 -18.60
CA ARG A 87 14.82 2.87 -18.61
C ARG A 87 13.90 3.93 -19.18
N ASN A 88 13.65 4.97 -18.38
CA ASN A 88 12.86 6.09 -18.89
C ASN A 88 13.58 7.44 -18.78
N TYR A 89 13.02 8.45 -19.43
CA TYR A 89 13.62 9.78 -19.42
C TYR A 89 12.58 10.85 -19.11
N ARG A 90 12.90 11.77 -18.20
CA ARG A 90 11.96 12.84 -17.84
C ARG A 90 11.83 13.79 -19.00
N ALA A 91 11.06 14.86 -18.84
CA ALA A 91 11.07 15.94 -19.83
C ALA A 91 12.43 16.66 -19.81
N ASN A 92 13.20 16.43 -18.74
CA ASN A 92 14.58 16.88 -18.61
C ASN A 92 15.55 16.09 -19.46
N ASP A 93 15.10 14.92 -19.93
CA ASP A 93 15.95 13.84 -20.44
C ASP A 93 16.82 13.31 -19.32
N GLU A 94 16.46 13.64 -18.09
CA GLU A 94 17.10 13.06 -16.93
C GLU A 94 16.69 11.60 -16.79
N PRO A 95 17.69 10.69 -16.82
CA PRO A 95 17.42 9.26 -16.74
C PRO A 95 16.81 8.81 -15.40
N PHE A 96 15.84 7.91 -15.47
CA PHE A 96 15.37 7.23 -14.28
C PHE A 96 14.89 5.79 -14.56
N ASP A 97 15.24 4.88 -13.66
CA ASP A 97 14.82 3.49 -13.78
C ASP A 97 13.37 3.26 -13.28
N ASN A 98 12.53 2.69 -14.14
CA ASN A 98 11.08 2.70 -13.96
C ASN A 98 10.50 1.31 -13.66
N LEU A 99 10.20 1.03 -12.39
CA LEU A 99 9.49 -0.20 -12.06
C LEU A 99 8.01 -0.01 -12.41
N LEU A 100 7.57 -0.72 -13.44
CA LEU A 100 6.22 -0.55 -13.97
C LEU A 100 5.34 -1.76 -13.68
N PHE A 101 4.20 -1.49 -13.06
CA PHE A 101 3.18 -2.48 -12.80
C PHE A 101 2.08 -2.32 -13.85
N LEU A 102 1.77 -3.38 -14.58
CA LEU A 102 0.67 -3.32 -15.51
C LEU A 102 -0.49 -4.21 -15.07
N HIS A 103 -1.69 -3.65 -15.08
CA HIS A 103 -2.89 -4.36 -14.67
C HIS A 103 -3.99 -4.14 -15.67
N PRO A 104 -4.53 -5.24 -16.23
CA PRO A 104 -5.69 -5.16 -17.13
C PRO A 104 -6.93 -4.69 -16.38
N VAL A 105 -7.70 -3.78 -16.96
CA VAL A 105 -8.82 -3.18 -16.24
C VAL A 105 -10.09 -3.16 -17.08
N GLY A 106 -11.18 -3.66 -16.50
CA GLY A 106 -12.48 -3.68 -17.13
C GLY A 106 -12.49 -4.60 -18.33
N GLY A 107 -13.57 -4.54 -19.10
CA GLY A 107 -13.69 -5.27 -20.35
C GLY A 107 -14.12 -6.71 -20.16
N ARG A 108 -13.42 -7.61 -20.83
CA ARG A 108 -13.68 -9.02 -20.68
C ARG A 108 -12.34 -9.66 -20.32
N PRO A 109 -12.39 -10.76 -19.56
CA PRO A 109 -11.23 -11.57 -19.18
C PRO A 109 -10.00 -11.50 -20.10
N ASP A 110 -10.14 -11.72 -21.39
CA ASP A 110 -8.95 -11.71 -22.24
C ASP A 110 -8.73 -10.40 -23.00
N ALA A 111 -9.79 -9.59 -23.10
CA ALA A 111 -9.73 -8.33 -23.79
C ALA A 111 -10.21 -7.19 -22.89
N PRO A 112 -9.30 -6.63 -22.08
CA PRO A 112 -9.73 -5.52 -21.20
C PRO A 112 -9.94 -4.22 -21.98
N ASP A 113 -10.84 -3.37 -21.51
CA ASP A 113 -11.06 -2.08 -22.18
C ASP A 113 -9.86 -1.15 -21.98
N TYR A 114 -9.21 -1.28 -20.84
CA TYR A 114 -8.12 -0.39 -20.47
C TYR A 114 -6.98 -1.23 -19.94
N PHE A 115 -5.78 -0.64 -19.91
CA PHE A 115 -4.71 -1.18 -19.09
C PHE A 115 -4.31 -0.13 -18.09
N LEU A 116 -4.05 -0.55 -16.85
CA LEU A 116 -3.55 0.37 -15.85
C LEU A 116 -2.04 0.20 -15.70
N GLY A 117 -1.33 1.31 -15.55
CA GLY A 117 0.11 1.29 -15.37
C GLY A 117 0.52 2.07 -14.13
N SER A 118 1.42 1.52 -13.34
CA SER A 118 1.84 2.18 -12.12
C SER A 118 3.36 2.23 -12.04
N GLN A 119 3.87 3.45 -11.90
CA GLN A 119 5.30 3.67 -11.95
C GLN A 119 5.87 3.93 -10.58
N PHE A 120 6.78 3.06 -10.15
CA PHE A 120 7.57 3.31 -8.96
C PHE A 120 8.95 3.69 -9.47
N GLU A 121 9.53 4.75 -8.94
CA GLU A 121 10.85 5.11 -9.40
C GLU A 121 11.96 4.52 -8.54
N LEU A 122 12.94 3.95 -9.24
CA LEU A 122 14.09 3.31 -8.63
C LEU A 122 15.23 4.31 -8.47
N GLY A 123 15.96 4.22 -7.36
CA GLY A 123 17.14 5.06 -7.17
C GLY A 123 17.04 6.07 -6.06
N ARG A 124 15.83 6.56 -5.84
CA ARG A 124 15.60 7.65 -4.92
C ARG A 124 15.20 7.17 -3.53
N SER A 125 15.28 5.87 -3.29
CA SER A 125 14.96 5.34 -1.97
C SER A 125 16.23 4.94 -1.23
N GLY A 126 17.37 5.16 -1.89
CA GLY A 126 18.67 4.89 -1.33
C GLY A 126 18.93 3.45 -0.90
N ASN A 127 18.86 3.23 0.40
CA ASN A 127 19.35 2.00 1.04
C ASN A 127 18.42 0.79 0.96
N SER A 128 17.13 0.99 1.25
CA SER A 128 16.16 -0.10 1.25
C SER A 128 15.17 -0.02 0.06
N GLU A 129 15.63 -0.30 -1.15
CA GLU A 129 14.74 -0.21 -2.31
C GLU A 129 13.65 -1.28 -2.28
N GLU A 130 13.98 -2.50 -1.82
CA GLU A 130 13.00 -3.59 -1.75
C GLU A 130 11.72 -3.22 -0.98
N ALA A 131 11.87 -2.67 0.23
CA ALA A 131 10.73 -2.23 1.02
C ALA A 131 9.92 -1.16 0.27
N ALA A 132 10.61 -0.15 -0.24
CA ALA A 132 9.95 0.94 -0.93
C ALA A 132 9.10 0.47 -2.12
N ALA A 133 9.63 -0.45 -2.93
CA ALA A 133 8.86 -0.97 -4.04
C ALA A 133 7.66 -1.73 -3.48
N ALA A 134 7.94 -2.56 -2.49
CA ALA A 134 6.92 -3.39 -1.87
C ALA A 134 5.86 -2.51 -1.23
N GLY A 135 6.32 -1.45 -0.58
CA GLY A 135 5.42 -0.43 -0.05
C GLY A 135 4.58 0.17 -1.15
N HIS A 136 5.22 0.48 -2.25
CA HIS A 136 4.49 1.05 -3.37
C HIS A 136 3.46 0.04 -3.84
N ALA A 137 3.85 -1.23 -3.87
CA ALA A 137 2.96 -2.29 -4.36
C ALA A 137 1.75 -2.43 -3.43
N GLY A 138 2.01 -2.26 -2.13
CA GLY A 138 0.95 -2.29 -1.14
C GLY A 138 -0.02 -1.12 -1.31
N ALA A 139 0.49 0.04 -1.71
CA ALA A 139 -0.42 1.16 -1.95
C ALA A 139 -1.23 0.90 -3.22
N LEU A 140 -0.53 0.48 -4.27
CA LEU A 140 -1.14 0.14 -5.56
C LEU A 140 -2.33 -0.80 -5.39
N THR A 141 -2.07 -1.98 -4.83
CA THR A 141 -3.11 -2.96 -4.52
C THR A 141 -4.33 -2.30 -3.88
N GLY A 142 -4.05 -1.35 -2.98
CA GLY A 142 -5.09 -0.54 -2.36
C GLY A 142 -5.90 0.24 -3.37
N GLU A 143 -5.24 0.81 -4.38
CA GLU A 143 -5.95 1.53 -5.44
C GLU A 143 -6.70 0.58 -6.37
N LEU A 144 -6.02 -0.46 -6.84
CA LEU A 144 -6.63 -1.47 -7.71
C LEU A 144 -7.90 -2.04 -7.09
N ALA A 145 -7.96 -2.09 -5.77
CA ALA A 145 -9.15 -2.57 -5.08
C ALA A 145 -10.22 -1.50 -5.09
N ARG A 146 -9.80 -0.24 -5.03
CA ARG A 146 -10.73 0.87 -4.97
C ARG A 146 -11.49 1.01 -6.29
N ILE A 147 -10.88 0.58 -7.40
CA ILE A 147 -11.56 0.64 -8.69
C ILE A 147 -12.22 -0.68 -9.07
N GLY A 148 -12.10 -1.68 -8.20
CA GLY A 148 -12.74 -2.97 -8.39
C GLY A 148 -11.99 -3.92 -9.30
N THR A 149 -10.74 -3.60 -9.61
CA THR A 149 -9.88 -4.50 -10.38
C THR A 149 -9.45 -5.72 -9.57
N VAL A 150 -9.21 -5.51 -8.28
CA VAL A 150 -8.87 -6.60 -7.36
C VAL A 150 -10.08 -6.88 -6.47
N ALA A 151 -10.51 -8.13 -6.40
CA ALA A 151 -11.57 -8.51 -5.46
C ALA A 151 -11.22 -8.10 -4.03
N ALA A 152 -12.18 -7.55 -3.30
CA ALA A 152 -11.93 -7.16 -1.91
C ALA A 152 -11.55 -8.37 -1.08
N ARG A 153 -12.05 -9.54 -1.47
CA ARG A 153 -11.75 -10.80 -0.80
C ARG A 153 -10.26 -11.15 -0.87
N LEU A 154 -9.63 -10.78 -1.97
CA LEU A 154 -8.27 -11.22 -2.27
C LEU A 154 -7.22 -10.16 -2.01
N GLU A 155 -7.64 -8.98 -1.55
CA GLU A 155 -6.73 -7.85 -1.48
C GLU A 155 -5.48 -8.15 -0.66
N MET A 156 -5.57 -9.07 0.29
CA MET A 156 -4.43 -9.38 1.13
C MET A 156 -3.43 -10.31 0.46
N ASP A 157 -3.93 -11.36 -0.19
CA ASP A 157 -3.06 -12.21 -0.98
C ASP A 157 -2.40 -11.41 -2.10
N SER A 158 -3.22 -10.61 -2.78
CA SER A 158 -2.77 -9.86 -3.93
C SER A 158 -1.67 -8.91 -3.50
N ARG A 159 -1.90 -8.24 -2.37
CA ARG A 159 -0.93 -7.31 -1.81
C ARG A 159 0.36 -8.06 -1.54
N ARG A 160 0.27 -9.21 -0.88
CA ARG A 160 1.43 -10.05 -0.61
C ARG A 160 2.18 -10.32 -1.90
N HIS A 161 1.43 -10.74 -2.92
CA HIS A 161 1.95 -11.11 -4.23
C HIS A 161 2.68 -9.99 -4.97
N LEU A 162 1.97 -8.90 -5.25
CA LEU A 162 2.58 -7.73 -5.92
C LEU A 162 3.83 -7.26 -5.20
N ALA A 163 3.77 -7.24 -3.87
CA ALA A 163 4.91 -6.77 -3.08
C ALA A 163 6.08 -7.73 -3.21
N GLN A 164 5.77 -9.00 -3.38
CA GLN A 164 6.79 -10.02 -3.55
C GLN A 164 7.46 -9.86 -4.91
N ALA A 165 6.62 -9.72 -5.94
CA ALA A 165 7.12 -9.49 -7.29
C ALA A 165 7.98 -8.23 -7.33
N ALA A 166 7.50 -7.18 -6.67
CA ALA A 166 8.18 -5.87 -6.63
C ALA A 166 9.62 -5.95 -6.10
N ALA A 167 9.79 -6.51 -4.90
CA ALA A 167 11.13 -6.64 -4.35
C ALA A 167 12.02 -7.54 -5.21
N ALA A 168 11.47 -8.68 -5.65
CA ALA A 168 12.19 -9.61 -6.50
C ALA A 168 12.74 -8.90 -7.74
N LEU A 169 11.89 -8.10 -8.37
CA LEU A 169 12.33 -7.29 -9.49
C LEU A 169 13.34 -6.21 -9.05
N VAL A 170 13.20 -5.69 -7.84
CA VAL A 170 14.20 -4.74 -7.34
C VAL A 170 15.54 -5.45 -7.24
N ARG A 171 15.54 -6.62 -6.59
CA ARG A 171 16.76 -7.42 -6.43
C ARG A 171 17.51 -7.63 -7.74
N ALA A 172 16.81 -8.14 -8.74
CA ALA A 172 17.39 -8.36 -10.07
C ALA A 172 17.87 -7.06 -10.71
N TRP A 173 17.27 -5.94 -10.28
CA TRP A 173 17.71 -4.61 -10.71
C TRP A 173 19.02 -4.26 -10.00
N GLU A 174 19.11 -4.60 -8.72
CA GLU A 174 20.32 -4.31 -7.93
C GLU A 174 21.54 -5.07 -8.41
N ARG A 175 21.37 -6.37 -8.63
CA ARG A 175 22.47 -7.24 -8.99
C ARG A 175 22.87 -7.06 -10.46
N ARG A 176 22.41 -5.98 -11.07
CA ARG A 176 22.80 -5.60 -12.43
C ARG A 176 22.92 -4.08 -12.56
N GLY A 177 21.77 -3.40 -12.53
CA GLY A 177 21.77 -1.95 -12.61
C GLY A 177 21.03 -1.38 -13.81
N GLN B 4 -18.47 12.51 16.54
CA GLN B 4 -19.18 11.52 15.74
C GLN B 4 -18.89 11.66 14.24
N LYS B 5 -18.96 12.88 13.72
CA LYS B 5 -18.76 13.07 12.30
C LYS B 5 -17.37 12.63 11.84
N GLN B 6 -16.34 13.26 12.41
CA GLN B 6 -14.95 12.92 12.12
C GLN B 6 -14.67 11.48 12.52
N PHE B 7 -15.58 10.90 13.29
CA PHE B 7 -15.49 9.53 13.74
C PHE B 7 -16.22 8.62 12.77
N GLU B 8 -17.19 9.20 12.05
CA GLU B 8 -17.97 8.45 11.07
C GLU B 8 -17.12 8.26 9.82
N LYS B 9 -16.32 9.27 9.51
CA LYS B 9 -15.43 9.23 8.36
C LYS B 9 -14.38 8.15 8.57
N ILE B 10 -13.81 8.14 9.78
CA ILE B 10 -12.80 7.16 10.16
C ILE B 10 -13.41 5.78 10.13
N ARG B 11 -14.62 5.63 10.64
CA ARG B 11 -15.30 4.34 10.60
C ARG B 11 -15.49 3.88 9.17
N ALA B 12 -15.86 4.83 8.31
CA ALA B 12 -16.18 4.51 6.92
C ALA B 12 -14.94 4.05 6.17
N VAL B 13 -13.78 4.51 6.62
CA VAL B 13 -12.52 4.03 6.06
C VAL B 13 -12.13 2.67 6.65
N PHE B 14 -12.33 2.50 7.95
CA PHE B 14 -12.04 1.22 8.58
C PHE B 14 -12.83 0.09 7.90
N ASP B 15 -14.15 0.22 7.84
CA ASP B 15 -15.00 -0.87 7.38
C ASP B 15 -14.74 -1.33 5.94
N ARG B 16 -14.17 -0.45 5.13
CA ARG B 16 -13.87 -0.75 3.73
C ARG B 16 -12.45 -1.25 3.47
N SER B 17 -11.69 -1.55 4.51
CA SER B 17 -10.24 -1.71 4.35
C SER B 17 -9.72 -3.14 4.18
N GLY B 18 -8.69 -3.28 3.36
CA GLY B 18 -7.92 -4.52 3.29
C GLY B 18 -6.87 -4.72 4.39
N VAL B 19 -6.65 -3.74 5.25
CA VAL B 19 -5.78 -4.00 6.40
C VAL B 19 -6.55 -3.96 7.73
N ALA B 20 -6.14 -4.81 8.66
CA ALA B 20 -6.71 -4.81 10.00
C ALA B 20 -6.50 -3.43 10.58
N LEU B 21 -7.58 -2.82 11.06
CA LEU B 21 -7.47 -1.52 11.67
C LEU B 21 -8.27 -1.53 12.97
N THR B 22 -7.76 -0.83 13.97
CA THR B 22 -8.43 -0.63 15.25
C THR B 22 -8.22 0.81 15.72
N LEU B 23 -9.20 1.35 16.42
CA LEU B 23 -9.11 2.71 16.92
C LEU B 23 -9.27 2.67 18.44
N VAL B 24 -8.53 3.52 19.13
CA VAL B 24 -8.55 3.54 20.59
C VAL B 24 -8.73 4.97 21.02
N ASP B 25 -9.67 5.20 21.94
CA ASP B 25 -9.96 6.54 22.43
C ASP B 25 -8.88 7.00 23.42
N MET B 26 -8.21 8.10 23.09
CA MET B 26 -7.09 8.59 23.89
C MET B 26 -7.50 9.59 24.98
N SER B 27 -8.80 9.81 25.15
CA SER B 27 -9.30 10.70 26.20
C SER B 27 -9.85 9.90 27.37
N LEU B 28 -10.24 8.66 27.10
CA LEU B 28 -10.69 7.74 28.15
C LEU B 28 -9.45 7.03 28.71
N PRO B 29 -9.50 6.63 29.98
CA PRO B 29 -8.28 6.24 30.67
C PRO B 29 -7.90 4.77 30.51
N GLU B 30 -8.85 3.92 30.17
CA GLU B 30 -8.51 2.52 29.94
C GLU B 30 -8.06 2.31 28.50
N GLN B 31 -8.03 3.40 27.73
CA GLN B 31 -7.68 3.35 26.32
C GLN B 31 -8.45 2.23 25.61
N PRO B 32 -9.78 2.35 25.61
CA PRO B 32 -10.65 1.25 25.18
C PRO B 32 -10.77 1.14 23.65
N LEU B 33 -10.85 -0.07 23.14
CA LEU B 33 -11.23 -0.28 21.74
C LEU B 33 -12.52 0.46 21.45
N VAL B 34 -12.48 1.33 20.45
CA VAL B 34 -13.67 2.07 20.05
C VAL B 34 -14.04 1.75 18.57
N LEU B 35 -13.14 1.07 17.88
CA LEU B 35 -13.41 0.53 16.54
C LEU B 35 -12.56 -0.70 16.25
N ALA B 36 -13.09 -1.61 15.45
CA ALA B 36 -12.31 -2.74 14.95
C ALA B 36 -12.84 -3.06 13.56
N ASN B 37 -11.96 -3.24 12.58
CA ASN B 37 -12.46 -3.50 11.23
C ASN B 37 -12.56 -5.00 10.92
N PRO B 38 -13.31 -5.37 9.87
CA PRO B 38 -13.46 -6.80 9.53
C PRO B 38 -12.16 -7.62 9.38
N PRO B 39 -11.11 -7.12 8.69
CA PRO B 39 -9.90 -7.96 8.65
C PRO B 39 -9.37 -8.28 10.02
N PHE B 40 -9.34 -7.28 10.91
CA PHE B 40 -8.88 -7.51 12.27
C PHE B 40 -9.74 -8.54 12.99
N LEU B 41 -11.05 -8.38 12.89
CA LEU B 41 -12.01 -9.37 13.40
C LEU B 41 -11.74 -10.79 12.88
N ARG B 42 -11.54 -10.91 11.57
CA ARG B 42 -11.24 -12.20 10.95
C ARG B 42 -9.93 -12.77 11.44
N MET B 43 -8.95 -11.89 11.65
CA MET B 43 -7.65 -12.33 12.13
C MET B 43 -7.78 -12.93 13.54
N THR B 44 -8.54 -12.24 14.38
CA THR B 44 -8.63 -12.60 15.79
C THR B 44 -9.77 -13.58 16.09
N GLY B 45 -10.77 -13.62 15.22
CA GLY B 45 -11.91 -14.50 15.43
C GLY B 45 -12.89 -13.95 16.44
N TYR B 46 -12.93 -12.63 16.59
CA TYR B 46 -13.82 -12.02 17.56
C TYR B 46 -14.96 -11.29 16.84
N THR B 47 -16.00 -10.94 17.60
CA THR B 47 -17.06 -10.07 17.07
C THR B 47 -16.79 -8.64 17.56
N GLU B 48 -17.19 -7.65 16.76
CA GLU B 48 -17.00 -6.26 17.13
C GLU B 48 -17.68 -6.02 18.47
N GLY B 49 -18.89 -6.55 18.60
CA GLY B 49 -19.68 -6.34 19.80
C GLY B 49 -19.09 -6.93 21.08
N GLN B 50 -18.21 -7.91 20.96
CA GLN B 50 -17.67 -8.55 22.17
C GLN B 50 -16.25 -8.10 22.56
N ILE B 51 -15.71 -7.10 21.88
CA ILE B 51 -14.39 -6.57 22.24
C ILE B 51 -14.35 -5.07 22.42
N LEU B 52 -15.30 -4.32 21.86
CA LEU B 52 -15.29 -2.85 22.01
C LEU B 52 -15.34 -2.41 23.47
N GLY B 53 -14.75 -1.25 23.75
CA GLY B 53 -14.71 -0.75 25.11
C GLY B 53 -13.71 -1.47 26.00
N PHE B 54 -12.98 -2.43 25.43
CA PHE B 54 -11.86 -3.06 26.13
C PHE B 54 -10.53 -2.53 25.61
N ASN B 55 -9.48 -2.68 26.43
CA ASN B 55 -8.13 -2.35 26.01
C ASN B 55 -7.49 -3.55 25.27
N CYS B 56 -6.88 -3.28 24.12
CA CYS B 56 -6.33 -4.30 23.22
C CYS B 56 -5.32 -5.27 23.84
N ARG B 57 -4.89 -5.03 25.08
CA ARG B 57 -3.96 -5.93 25.74
C ARG B 57 -4.63 -7.29 26.03
N PHE B 58 -5.93 -7.37 25.78
CA PHE B 58 -6.67 -8.60 26.00
C PHE B 58 -6.20 -9.71 25.05
N LEU B 59 -5.62 -9.32 23.92
CA LEU B 59 -5.11 -10.29 22.95
C LEU B 59 -3.83 -10.92 23.44
N GLN B 60 -3.21 -10.33 24.47
CA GLN B 60 -2.02 -10.89 25.10
C GLN B 60 -2.37 -11.95 26.14
N ARG B 61 -1.38 -12.77 26.50
CA ARG B 61 -1.45 -13.60 27.71
C ARG B 61 -0.10 -13.59 28.43
N GLY B 62 -0.14 -13.67 29.76
CA GLY B 62 1.07 -13.79 30.55
C GLY B 62 1.95 -12.56 30.53
N ASP B 63 3.23 -12.75 30.21
CA ASP B 63 4.18 -11.66 30.21
C ASP B 63 5.25 -11.92 29.16
N GLU B 64 4.86 -11.89 27.90
CA GLU B 64 5.80 -12.12 26.81
C GLU B 64 6.13 -10.81 26.08
N ASN B 65 5.48 -9.73 26.49
CA ASN B 65 5.54 -8.48 25.72
C ASN B 65 6.07 -7.23 26.46
N ALA B 66 6.67 -7.42 27.64
CA ALA B 66 7.08 -6.32 28.50
C ALA B 66 7.81 -5.23 27.76
N GLN B 67 8.93 -5.60 27.16
CA GLN B 67 9.76 -4.65 26.40
C GLN B 67 8.97 -3.87 25.36
N ALA B 68 8.22 -4.56 24.52
CA ALA B 68 7.41 -3.89 23.53
C ALA B 68 6.32 -3.05 24.19
N ARG B 69 5.83 -3.51 25.34
CA ARG B 69 4.76 -2.81 26.04
C ARG B 69 5.24 -1.50 26.66
N ALA B 70 6.52 -1.45 27.06
CA ALA B 70 7.10 -0.20 27.53
C ALA B 70 7.20 0.79 26.37
N ASP B 71 7.60 0.29 25.20
CA ASP B 71 7.71 1.13 24.01
C ASP B 71 6.35 1.68 23.56
N ILE B 72 5.33 0.82 23.63
CA ILE B 72 3.97 1.25 23.34
C ILE B 72 3.56 2.40 24.26
N ARG B 73 3.77 2.23 25.56
CA ARG B 73 3.33 3.22 26.54
C ARG B 73 4.04 4.54 26.36
N ASP B 74 5.33 4.48 26.07
CA ASP B 74 6.13 5.61 25.64
C ASP B 74 5.52 6.33 24.43
N ALA B 75 5.34 5.60 23.34
CA ALA B 75 4.79 6.20 22.13
C ALA B 75 3.44 6.84 22.42
N LEU B 76 2.62 6.15 23.21
CA LEU B 76 1.30 6.69 23.55
C LEU B 76 1.43 8.00 24.32
N LYS B 77 2.19 7.99 25.42
CA LYS B 77 2.41 9.19 26.21
C LYS B 77 2.85 10.36 25.34
N LEU B 78 3.72 10.09 24.37
CA LEU B 78 4.41 11.14 23.62
C LEU B 78 3.68 11.58 22.36
N GLY B 79 2.67 10.81 21.97
CA GLY B 79 1.96 11.04 20.73
C GLY B 79 2.78 10.68 19.50
N ARG B 80 3.62 9.67 19.59
CA ARG B 80 4.41 9.34 18.41
C ARG B 80 4.08 7.98 17.82
N GLU B 81 4.41 7.82 16.54
CA GLU B 81 4.23 6.55 15.86
C GLU B 81 5.24 5.54 16.38
N LEU B 82 4.99 4.27 16.06
CA LEU B 82 5.80 3.19 16.61
C LEU B 82 5.45 1.92 15.88
N GLN B 83 6.40 1.02 15.76
CA GLN B 83 6.13 -0.32 15.25
C GLN B 83 6.81 -1.30 16.19
N VAL B 84 6.04 -2.30 16.64
CA VAL B 84 6.55 -3.35 17.50
C VAL B 84 5.99 -4.71 17.15
N VAL B 85 6.72 -5.75 17.51
CA VAL B 85 6.23 -7.10 17.36
C VAL B 85 5.71 -7.55 18.71
N LEU B 86 4.54 -8.16 18.69
CA LEU B 86 3.84 -8.63 19.89
C LEU B 86 3.40 -10.06 19.70
N ARG B 87 3.54 -10.86 20.75
CA ARG B 87 2.90 -12.17 20.76
C ARG B 87 1.44 -11.98 21.19
N ASN B 88 0.50 -12.34 20.32
CA ASN B 88 -0.92 -12.25 20.65
C ASN B 88 -1.61 -13.62 20.53
N TYR B 89 -2.90 -13.67 20.87
CA TYR B 89 -3.67 -14.90 20.83
C TYR B 89 -5.08 -14.66 20.30
N ARG B 90 -5.65 -15.68 19.64
CA ARG B 90 -7.00 -15.55 19.08
C ARG B 90 -8.08 -15.95 20.08
N ALA B 91 -9.34 -15.79 19.68
CA ALA B 91 -10.48 -16.15 20.53
C ALA B 91 -10.45 -17.62 21.00
N ASN B 92 -9.75 -18.46 20.25
CA ASN B 92 -9.57 -19.87 20.63
C ASN B 92 -8.20 -20.15 21.24
N ASP B 93 -7.52 -19.10 21.68
CA ASP B 93 -6.19 -19.19 22.29
C ASP B 93 -5.10 -19.74 21.35
N GLU B 94 -5.29 -19.58 20.05
CA GLU B 94 -4.24 -19.90 19.09
C GLU B 94 -3.24 -18.74 19.05
N PRO B 95 -1.95 -19.04 19.28
CA PRO B 95 -0.93 -17.98 19.33
C PRO B 95 -0.65 -17.42 17.95
N PHE B 96 -0.27 -16.16 17.89
CA PHE B 96 0.21 -15.60 16.64
C PHE B 96 1.10 -14.39 16.87
N ASP B 97 1.91 -14.08 15.87
CA ASP B 97 2.79 -12.91 15.95
C ASP B 97 2.21 -11.70 15.23
N ASN B 98 2.30 -10.56 15.91
CA ASN B 98 1.55 -9.38 15.54
C ASN B 98 2.47 -8.18 15.38
N LEU B 99 2.80 -7.83 14.13
CA LEU B 99 3.52 -6.57 13.89
C LEU B 99 2.55 -5.39 13.95
N LEU B 100 2.48 -4.77 15.13
CA LEU B 100 1.60 -3.64 15.39
C LEU B 100 2.19 -2.32 14.91
N PHE B 101 1.44 -1.63 14.06
CA PHE B 101 1.77 -0.27 13.66
C PHE B 101 0.84 0.62 14.43
N LEU B 102 1.40 1.54 15.23
CA LEU B 102 0.61 2.48 16.02
C LEU B 102 0.74 3.89 15.44
N HIS B 103 -0.37 4.59 15.21
CA HIS B 103 -0.29 5.98 14.74
C HIS B 103 -1.22 6.95 15.46
N PRO B 104 -0.68 8.12 15.85
CA PRO B 104 -1.48 9.24 16.37
C PRO B 104 -2.51 9.69 15.32
N VAL B 105 -3.75 9.90 15.74
CA VAL B 105 -4.82 10.34 14.84
C VAL B 105 -5.79 11.28 15.53
N GLY B 106 -5.96 12.47 14.96
CA GLY B 106 -6.88 13.46 15.48
C GLY B 106 -6.23 14.49 16.38
N GLY B 107 -6.96 15.58 16.62
CA GLY B 107 -6.55 16.56 17.61
C GLY B 107 -5.47 17.49 17.11
N ARG B 108 -4.36 17.49 17.83
CA ARG B 108 -3.17 18.25 17.46
C ARG B 108 -1.99 17.47 18.04
N PRO B 109 -0.76 17.74 17.55
CA PRO B 109 0.44 17.00 17.97
C PRO B 109 0.64 16.79 19.49
N ASP B 110 0.22 17.75 20.30
CA ASP B 110 0.35 17.59 21.74
C ASP B 110 -0.66 16.59 22.31
N ALA B 111 -1.86 16.55 21.74
CA ALA B 111 -2.90 15.68 22.30
C ALA B 111 -3.78 14.93 21.29
N PRO B 112 -3.23 13.88 20.66
CA PRO B 112 -3.95 12.96 19.78
C PRO B 112 -5.31 12.55 20.34
N ASP B 113 -6.35 12.66 19.52
CA ASP B 113 -7.69 12.23 19.89
C ASP B 113 -7.76 10.72 20.04
N TYR B 114 -7.26 10.03 19.02
CA TYR B 114 -7.27 8.57 19.00
C TYR B 114 -5.89 8.06 18.61
N PHE B 115 -5.67 6.78 18.86
CA PHE B 115 -4.53 6.08 18.27
C PHE B 115 -5.07 4.99 17.32
N LEU B 116 -4.48 4.90 16.13
CA LEU B 116 -4.80 3.87 15.16
C LEU B 116 -3.87 2.69 15.37
N GLY B 117 -4.38 1.48 15.15
CA GLY B 117 -3.60 0.27 15.26
C GLY B 117 -3.80 -0.61 14.04
N SER B 118 -2.70 -1.04 13.43
CA SER B 118 -2.79 -1.90 12.27
C SER B 118 -1.97 -3.17 12.43
N GLN B 119 -2.66 -4.29 12.64
CA GLN B 119 -2.00 -5.56 12.91
C GLN B 119 -1.61 -6.29 11.61
N PHE B 120 -0.32 -6.53 11.43
CA PHE B 120 0.16 -7.45 10.41
C PHE B 120 0.57 -8.77 11.04
N GLU B 121 -0.24 -9.80 10.83
CA GLU B 121 0.09 -11.14 11.32
C GLU B 121 1.34 -11.69 10.62
N LEU B 122 2.30 -12.15 11.40
CA LEU B 122 3.54 -12.70 10.84
C LEU B 122 3.55 -14.23 10.73
N GLY B 123 4.01 -14.73 9.59
CA GLY B 123 4.16 -16.17 9.40
C GLY B 123 3.18 -16.77 8.41
N ARG B 124 2.34 -15.92 7.82
CA ARG B 124 1.34 -16.35 6.86
C ARG B 124 1.84 -16.11 5.45
N SER B 125 3.12 -15.75 5.33
CA SER B 125 3.66 -15.24 4.07
C SER B 125 4.99 -15.90 3.68
N GLY B 126 5.23 -17.12 4.17
CA GLY B 126 6.42 -17.87 3.80
C GLY B 126 7.72 -17.12 4.02
N ASN B 127 8.61 -17.20 3.03
CA ASN B 127 9.90 -16.49 3.09
C ASN B 127 9.76 -15.03 2.65
N SER B 128 8.54 -14.62 2.33
CA SER B 128 8.28 -13.28 1.85
C SER B 128 7.70 -12.33 2.90
N GLU B 129 8.13 -12.49 4.15
CA GLU B 129 7.63 -11.65 5.25
C GLU B 129 7.95 -10.15 5.13
N GLU B 130 9.18 -9.81 4.71
CA GLU B 130 9.60 -8.41 4.62
C GLU B 130 8.82 -7.67 3.56
N ALA B 131 8.65 -8.30 2.41
CA ALA B 131 7.92 -7.69 1.33
C ALA B 131 6.44 -7.62 1.70
N ALA B 132 5.94 -8.71 2.31
CA ALA B 132 4.56 -8.75 2.78
C ALA B 132 4.34 -7.65 3.80
N ALA B 133 5.19 -7.57 4.82
CA ALA B 133 4.98 -6.54 5.83
C ALA B 133 5.08 -5.13 5.22
N ALA B 134 6.12 -4.89 4.42
CA ALA B 134 6.29 -3.58 3.79
C ALA B 134 5.10 -3.27 2.88
N GLY B 135 4.51 -4.31 2.31
CA GLY B 135 3.33 -4.13 1.51
C GLY B 135 2.16 -3.70 2.38
N HIS B 136 2.05 -4.30 3.55
CA HIS B 136 1.09 -3.84 4.54
C HIS B 136 1.30 -2.34 4.79
N ALA B 137 2.53 -1.98 5.15
CA ALA B 137 2.91 -0.61 5.43
C ALA B 137 2.40 0.32 4.34
N GLY B 138 2.64 -0.08 3.09
CA GLY B 138 2.21 0.69 1.93
C GLY B 138 0.72 0.92 1.91
N ALA B 139 -0.05 -0.15 2.04
CA ALA B 139 -1.51 -0.03 2.15
C ALA B 139 -1.89 0.91 3.30
N LEU B 140 -1.31 0.68 4.46
CA LEU B 140 -1.63 1.49 5.65
C LEU B 140 -1.49 2.99 5.36
N THR B 141 -0.32 3.38 4.87
CA THR B 141 -0.06 4.77 4.54
C THR B 141 -1.22 5.34 3.72
N GLY B 142 -1.60 4.62 2.66
CA GLY B 142 -2.71 5.02 1.81
C GLY B 142 -3.96 5.29 2.60
N GLU B 143 -4.17 4.50 3.65
CA GLU B 143 -5.33 4.65 4.53
C GLU B 143 -5.16 5.80 5.51
N LEU B 144 -3.92 6.10 5.88
CA LEU B 144 -3.66 7.23 6.79
C LEU B 144 -3.81 8.54 6.04
N ALA B 145 -3.42 8.54 4.77
CA ALA B 145 -3.65 9.68 3.91
C ALA B 145 -5.14 9.86 3.76
N ARG B 146 -5.86 8.74 3.68
CA ARG B 146 -7.31 8.74 3.45
C ARG B 146 -8.07 9.27 4.66
N ILE B 147 -7.34 9.63 5.71
CA ILE B 147 -7.97 10.18 6.92
C ILE B 147 -7.42 11.57 7.20
N GLY B 148 -6.15 11.79 6.90
CA GLY B 148 -5.59 13.13 6.98
C GLY B 148 -4.63 13.34 8.13
N THR B 149 -3.66 12.44 8.24
CA THR B 149 -2.60 12.60 9.24
C THR B 149 -1.26 12.66 8.53
N VAL B 150 -1.31 12.43 7.22
CA VAL B 150 -0.21 12.69 6.30
C VAL B 150 -0.65 13.80 5.31
N ALA B 151 0.29 14.61 4.84
CA ALA B 151 -0.06 15.71 3.92
C ALA B 151 -0.10 15.25 2.47
N ALA B 152 -0.38 16.17 1.55
CA ALA B 152 -0.59 15.83 0.14
C ALA B 152 0.66 15.27 -0.55
N ARG B 153 1.77 15.97 -0.42
CA ARG B 153 3.03 15.49 -0.99
C ARG B 153 3.85 14.74 0.07
N LEU B 154 3.16 14.22 1.08
CA LEU B 154 3.81 13.50 2.18
C LEU B 154 3.61 11.99 2.10
N GLU B 155 2.60 11.57 1.34
CA GLU B 155 2.24 10.16 1.26
C GLU B 155 3.42 9.27 0.81
N MET B 156 4.14 9.69 -0.24
CA MET B 156 5.24 8.90 -0.79
C MET B 156 6.42 8.62 0.17
N ASP B 157 6.97 9.66 0.78
CA ASP B 157 8.14 9.48 1.64
C ASP B 157 7.79 8.95 3.04
N SER B 158 6.58 9.24 3.52
CA SER B 158 6.07 8.57 4.71
C SER B 158 5.95 7.06 4.46
N ARG B 159 5.33 6.70 3.33
CA ARG B 159 5.17 5.31 2.91
C ARG B 159 6.48 4.54 2.83
N ARG B 160 7.49 5.18 2.28
CA ARG B 160 8.76 4.51 2.15
C ARG B 160 9.42 4.37 3.51
N HIS B 161 9.40 5.46 4.27
CA HIS B 161 9.87 5.44 5.65
C HIS B 161 9.26 4.25 6.37
N LEU B 162 7.93 4.23 6.43
CA LEU B 162 7.18 3.23 7.15
C LEU B 162 7.45 1.80 6.69
N ALA B 163 7.56 1.60 5.37
CA ALA B 163 7.81 0.27 4.84
C ALA B 163 9.21 -0.25 5.20
N GLN B 164 10.19 0.65 5.20
CA GLN B 164 11.55 0.33 5.62
C GLN B 164 11.60 -0.12 7.08
N ALA B 165 10.87 0.60 7.93
CA ALA B 165 10.76 0.21 9.33
C ALA B 165 10.05 -1.14 9.42
N ALA B 166 8.99 -1.29 8.65
CA ALA B 166 8.22 -2.54 8.61
C ALA B 166 9.11 -3.76 8.38
N ALA B 167 10.01 -3.69 7.40
CA ALA B 167 10.86 -4.81 7.06
C ALA B 167 12.03 -4.96 8.04
N ALA B 168 12.59 -3.83 8.46
CA ALA B 168 13.64 -3.80 9.49
C ALA B 168 13.20 -4.53 10.76
N LEU B 169 11.91 -4.45 11.03
CA LEU B 169 11.37 -5.10 12.22
C LEU B 169 11.08 -6.60 12.01
N VAL B 170 10.69 -7.00 10.80
CA VAL B 170 10.49 -8.42 10.55
C VAL B 170 11.81 -9.15 10.31
N ARG B 171 12.82 -8.45 9.80
CA ARG B 171 14.17 -9.02 9.75
C ARG B 171 14.63 -9.36 11.16
N ALA B 172 14.38 -8.46 12.11
CA ALA B 172 14.76 -8.72 13.50
C ALA B 172 13.99 -9.92 14.01
N TRP B 173 12.66 -9.88 13.80
CA TRP B 173 11.78 -10.93 14.29
C TRP B 173 12.25 -12.32 13.86
N GLU B 174 12.86 -12.40 12.70
CA GLU B 174 13.30 -13.66 12.09
C GLU B 174 14.62 -14.17 12.67
N ARG B 175 15.43 -13.24 13.17
CA ARG B 175 16.67 -13.61 13.83
C ARG B 175 16.44 -13.71 15.34
N ARG B 176 15.45 -12.95 15.83
CA ARG B 176 15.11 -12.92 17.26
C ARG B 176 14.40 -14.19 17.70
N GLY B 177 15.12 -15.31 17.69
CA GLY B 177 14.56 -16.58 18.10
C GLY B 177 14.95 -17.72 17.18
N1 FMN C . 6.37 2.49 -21.03
C2 FMN C . 7.32 3.22 -20.37
O2 FMN C . 8.47 3.31 -20.82
N3 FMN C . 7.02 3.87 -19.19
C4 FMN C . 5.75 3.77 -18.68
O4 FMN C . 5.46 4.36 -17.62
C4A FMN C . 4.78 3.04 -19.35
N5 FMN C . 3.51 2.95 -18.82
C5A FMN C . 2.54 2.22 -19.48
C6 FMN C . 1.27 2.16 -18.95
C7 FMN C . 0.28 1.43 -19.59
C7M FMN C . -1.09 1.37 -18.96
C8 FMN C . 0.57 0.76 -20.78
C8M FMN C . -0.49 -0.04 -21.49
C9 FMN C . 1.86 0.83 -21.33
C9A FMN C . 2.84 1.56 -20.66
N10 FMN C . 4.11 1.67 -21.19
C10 FMN C . 5.09 2.40 -20.53
C1' FMN C . 4.40 0.90 -22.43
C2' FMN C . 4.45 1.56 -23.77
O2' FMN C . 3.23 2.21 -24.05
C3' FMN C . 4.63 0.36 -24.69
O3' FMN C . 3.59 -0.56 -24.46
C4' FMN C . 5.93 -0.39 -24.44
O4' FMN C . 7.03 0.45 -24.63
C5' FMN C . 6.02 -1.47 -25.50
O5' FMN C . 5.80 -0.71 -26.67
P FMN C . 6.56 -0.95 -28.05
O1P FMN C . 5.49 -1.06 -29.12
O2P FMN C . 7.47 0.25 -28.20
O3P FMN C . 7.41 -2.21 -28.06
N1 FMN D . -1.72 -4.70 22.11
C2 FMN D . -1.69 -5.99 21.66
O2 FMN D . -1.20 -6.88 22.34
N3 FMN D . -2.21 -6.33 20.44
C4 FMN D . -2.77 -5.37 19.65
O4 FMN D . -3.24 -5.71 18.55
C4A FMN D . -2.81 -4.04 20.10
N5 FMN D . -3.36 -3.04 19.30
C5A FMN D . -3.40 -1.73 19.75
C6 FMN D . -3.97 -0.75 18.96
C7 FMN D . -3.99 0.57 19.42
C7M FMN D . -4.59 1.62 18.56
C8 FMN D . -3.45 0.88 20.67
C8M FMN D . -3.47 2.30 21.19
C9 FMN D . -2.88 -0.11 21.46
C9A FMN D . -2.86 -1.42 21.00
N10 FMN D . -2.31 -2.41 21.80
C10 FMN D . -2.27 -3.71 21.33
C1' FMN D . -1.71 -2.00 23.11
C2' FMN D . -2.41 -2.34 24.41
O2' FMN D . -3.80 -2.10 24.42
C3' FMN D . -1.81 -1.36 25.38
O3' FMN D . -1.79 -0.09 24.77
C4' FMN D . -0.39 -1.74 25.77
O4' FMN D . -0.38 -3.11 26.19
C5' FMN D . 0.04 -0.73 26.83
O5' FMN D . 0.75 -1.34 27.86
P FMN D . 0.00 -1.85 29.20
O1P FMN D . -0.79 -3.08 28.85
O2P FMN D . 1.05 -2.24 30.20
O3P FMN D . -0.94 -0.84 29.78
#